data_4KW2
#
_entry.id   4KW2
#
_cell.length_a   200.095
_cell.length_b   200.095
_cell.length_c   200.095
_cell.angle_alpha   90.000
_cell.angle_beta   90.000
_cell.angle_gamma   90.000
#
_symmetry.space_group_name_H-M   'F 4 3 2'
#
loop_
_entity.id
_entity.type
_entity.pdbx_description
1 polymer 'Uncharacterized protein'
2 non-polymer 'SULFATE ION'
3 non-polymer 1,2-ETHANEDIOL
4 water water
#
_entity_poly.entity_id   1
_entity_poly.type   'polypeptide(L)'
_entity_poly.pdbx_seq_one_letter_code
;(MSE)GSDKIHHHHHHENLYFQGADWKVGIQTWTFHNLTL(MSE)ETLDKTQQLG(MSE)GYAEAFFFQELGAPFPKETY
LNYDLSDDNCALLRHEFKIRGIKPIAFGVASYGTNEEWDKFFAFAHKIGAHIVTVEPELNQLDYIESLAKKYD(MSE)EV
AIHNHPSPCIYASAEVVEKALKGRSPL(MSE)GVCADIGHWKRVGEDPLKNLQKLSGRIKVAHLKDLTDK(MSE)EDATW
GTGILPVKAFVNELKRQHFNGLISIEYDDFKSDIQEIRNSLEFLQKCSK
;
_entity_poly.pdbx_strand_id   A
#
# COMPACT_ATOMS: atom_id res chain seq x y z
N ALA A 20 -11.81 -9.32 -7.41
CA ALA A 20 -12.19 -9.16 -8.85
C ALA A 20 -11.57 -7.90 -9.48
N ASP A 21 -12.12 -6.73 -9.18
CA ASP A 21 -11.65 -5.50 -9.83
CA ASP A 21 -11.69 -5.47 -9.80
C ASP A 21 -10.33 -5.02 -9.23
N TRP A 22 -10.30 -4.80 -7.92
CA TRP A 22 -9.09 -4.32 -7.23
C TRP A 22 -8.71 -5.25 -6.07
N LYS A 23 -7.56 -4.99 -5.47
CA LYS A 23 -7.12 -5.73 -4.28
C LYS A 23 -7.24 -4.87 -3.03
N VAL A 24 -7.62 -5.50 -1.93
CA VAL A 24 -7.67 -4.83 -0.64
C VAL A 24 -6.62 -5.47 0.28
N GLY A 25 -5.67 -4.64 0.72
CA GLY A 25 -4.62 -5.09 1.63
C GLY A 25 -4.50 -4.20 2.85
N ILE A 26 -3.68 -4.65 3.79
CA ILE A 26 -3.43 -3.87 5.00
C ILE A 26 -2.03 -3.24 4.97
N GLN A 27 -1.93 -2.03 5.51
CA GLN A 27 -0.63 -1.46 5.85
C GLN A 27 -0.24 -2.02 7.21
N THR A 28 0.89 -2.73 7.27
CA THR A 28 1.31 -3.35 8.54
C THR A 28 1.61 -2.30 9.61
N TRP A 29 1.87 -1.06 9.20
CA TRP A 29 2.02 0.05 10.16
C TRP A 29 0.86 0.12 11.16
N THR A 30 -0.33 -0.28 10.72
CA THR A 30 -1.50 -0.40 11.57
C THR A 30 -1.18 -1.07 12.91
N PHE A 31 -0.35 -2.10 12.86
CA PHE A 31 -0.01 -2.89 14.04
C PHE A 31 1.49 -2.84 14.34
N HIS A 32 2.09 -1.65 14.21
CA HIS A 32 3.55 -1.53 14.33
C HIS A 32 4.05 -1.80 15.74
N ASN A 33 3.15 -1.76 16.72
CA ASN A 33 3.39 -2.14 18.12
CA ASN A 33 3.57 -2.13 18.08
C ASN A 33 3.45 -3.64 18.35
N LEU A 34 3.10 -4.40 17.32
CA LEU A 34 3.19 -5.86 17.35
C LEU A 34 4.35 -6.32 16.47
N THR A 35 4.66 -7.61 16.52
CA THR A 35 5.58 -8.20 15.56
C THR A 35 4.87 -8.34 14.22
N LEU A 36 5.63 -8.58 13.14
CA LEU A 36 5.04 -8.80 11.83
C LEU A 36 4.19 -10.06 11.79
N GLU A 38 2.53 -11.44 14.30
CA GLU A 38 1.28 -11.05 14.98
C GLU A 38 0.40 -10.15 14.10
N THR A 39 1.04 -9.26 13.35
CA THR A 39 0.34 -8.40 12.42
C THR A 39 -0.37 -9.23 11.35
N LEU A 40 0.31 -10.26 10.84
CA LEU A 40 -0.27 -11.14 9.83
C LEU A 40 -1.42 -11.98 10.42
N ASP A 41 -1.32 -12.34 11.70
CA ASP A 41 -2.43 -13.01 12.38
C ASP A 41 -3.65 -12.11 12.47
N LYS A 42 -3.43 -10.83 12.75
CA LYS A 42 -4.51 -9.84 12.79
C LYS A 42 -5.11 -9.66 11.40
N THR A 43 -4.24 -9.63 10.38
CA THR A 43 -4.66 -9.53 9.00
C THR A 43 -5.58 -10.70 8.61
N GLN A 44 -5.30 -11.90 9.14
CA GLN A 44 -6.18 -13.06 8.94
C GLN A 44 -7.53 -12.85 9.60
N GLN A 45 -7.53 -12.32 10.82
CA GLN A 45 -8.78 -12.05 11.54
C GLN A 45 -9.61 -10.98 10.84
N LEU A 46 -8.94 -10.03 10.19
CA LEU A 46 -9.63 -9.02 9.39
C LEU A 46 -10.20 -9.59 8.09
N GLY A 47 -9.59 -10.66 7.58
CA GLY A 47 -10.03 -11.29 6.35
C GLY A 47 -9.48 -10.61 5.10
N GLY A 49 -6.16 -10.54 2.15
CA GLY A 49 -5.19 -11.43 1.50
C GLY A 49 -3.94 -10.77 0.98
N TYR A 50 -3.69 -9.53 1.40
CA TYR A 50 -2.55 -8.74 0.91
C TYR A 50 -1.98 -7.84 2.00
N ALA A 51 -0.70 -7.51 1.89
CA ALA A 51 -0.05 -6.64 2.87
C ALA A 51 0.95 -5.69 2.23
N GLU A 52 1.00 -4.46 2.74
CA GLU A 52 2.05 -3.50 2.43
C GLU A 52 2.87 -3.33 3.69
N ALA A 53 4.09 -3.87 3.70
CA ALA A 53 4.88 -3.93 4.91
C ALA A 53 5.94 -2.82 5.00
N PHE A 54 6.02 -2.22 6.18
CA PHE A 54 7.04 -1.22 6.49
C PHE A 54 8.22 -1.93 7.17
N PHE A 55 9.42 -1.41 6.93
CA PHE A 55 10.66 -1.98 7.44
C PHE A 55 10.91 -1.64 8.91
N PHE A 56 11.73 -2.47 9.52
CA PHE A 56 12.21 -2.37 10.91
C PHE A 56 11.21 -2.85 11.96
N GLN A 57 10.11 -3.47 11.52
CA GLN A 57 9.23 -4.18 12.43
C GLN A 57 9.89 -5.50 12.84
N GLU A 58 9.88 -5.79 14.14
CA GLU A 58 10.31 -7.08 14.64
C GLU A 58 9.49 -8.17 13.93
N LEU A 59 10.16 -9.21 13.47
CA LEU A 59 9.49 -10.27 12.72
C LEU A 59 8.66 -11.14 13.66
N GLY A 60 9.28 -11.64 14.73
CA GLY A 60 8.61 -12.51 15.68
C GLY A 60 8.78 -13.98 15.31
N ALA A 61 8.44 -14.87 16.25
CA ALA A 61 8.58 -16.32 16.01
C ALA A 61 7.76 -16.72 14.77
N PRO A 62 8.30 -17.61 13.93
CA PRO A 62 9.47 -18.47 14.09
C PRO A 62 10.84 -17.82 13.93
N PHE A 63 10.90 -16.54 13.57
CA PHE A 63 12.19 -15.86 13.46
C PHE A 63 12.75 -15.64 14.85
N PRO A 64 14.08 -15.61 14.96
CA PRO A 64 14.67 -15.39 16.27
C PRO A 64 14.47 -13.95 16.74
N LYS A 65 14.58 -13.76 18.04
CA LYS A 65 14.35 -12.45 18.65
C LYS A 65 15.38 -11.43 18.16
N GLU A 66 14.94 -10.18 18.04
CA GLU A 66 15.73 -9.05 17.51
C GLU A 66 15.98 -9.10 16.00
N THR A 67 15.29 -9.99 15.28
CA THR A 67 15.39 -9.98 13.82
C THR A 67 14.26 -9.11 13.30
N TYR A 68 14.59 -8.08 12.51
CA TYR A 68 13.59 -7.14 12.01
CA TYR A 68 13.62 -7.10 12.01
C TYR A 68 13.51 -7.16 10.48
N LEU A 69 12.41 -6.62 9.95
CA LEU A 69 12.21 -6.58 8.51
C LEU A 69 13.12 -5.53 7.90
N ASN A 70 14.01 -5.97 7.00
CA ASN A 70 14.88 -5.07 6.29
C ASN A 70 15.46 -5.85 5.14
N TYR A 71 16.07 -5.14 4.19
CA TYR A 71 16.54 -5.78 2.96
C TYR A 71 17.80 -6.64 3.14
N ASP A 72 18.32 -6.69 4.36
CA ASP A 72 19.51 -7.48 4.68
C ASP A 72 19.22 -8.90 5.15
N LEU A 73 17.95 -9.33 5.12
CA LEU A 73 17.59 -10.67 5.58
C LEU A 73 18.29 -11.76 4.76
N SER A 74 18.81 -12.77 5.44
CA SER A 74 19.45 -13.91 4.78
C SER A 74 18.49 -14.63 3.84
N ASP A 75 19.04 -15.38 2.90
CA ASP A 75 18.23 -16.17 1.98
C ASP A 75 17.31 -17.13 2.73
N ASP A 76 17.83 -17.76 3.78
CA ASP A 76 17.04 -18.63 4.65
C ASP A 76 15.85 -17.89 5.26
N ASN A 77 16.12 -16.71 5.82
CA ASN A 77 15.06 -15.90 6.42
C ASN A 77 14.08 -15.35 5.39
N CYS A 78 14.58 -15.02 4.20
CA CYS A 78 13.70 -14.64 3.09
C CYS A 78 12.76 -15.77 2.69
N ALA A 79 13.29 -16.99 2.65
CA ALA A 79 12.47 -18.15 2.31
C ALA A 79 11.44 -18.42 3.41
N LEU A 80 11.86 -18.25 4.66
CA LEU A 80 10.95 -18.42 5.78
C LEU A 80 9.86 -17.35 5.78
N LEU A 81 10.22 -16.12 5.45
CA LEU A 81 9.25 -15.03 5.38
C LEU A 81 8.20 -15.32 4.30
N ARG A 82 8.64 -15.78 3.13
CA ARG A 82 7.71 -16.17 2.07
C ARG A 82 6.75 -17.27 2.54
N HIS A 83 7.29 -18.27 3.21
CA HIS A 83 6.48 -19.38 3.73
C HIS A 83 5.43 -18.91 4.74
N GLU A 84 5.83 -18.00 5.63
CA GLU A 84 4.96 -17.48 6.68
C GLU A 84 3.78 -16.67 6.12
N PHE A 85 4.02 -15.90 5.08
CA PHE A 85 2.93 -15.24 4.34
C PHE A 85 2.02 -16.29 3.69
N LYS A 86 2.62 -17.24 2.99
CA LYS A 86 1.87 -18.20 2.18
C LYS A 86 0.91 -19.05 3.03
N ILE A 87 1.39 -19.60 4.15
CA ILE A 87 0.53 -20.43 5.00
C ILE A 87 -0.61 -19.67 5.66
N ARG A 88 -0.58 -18.34 5.63
CA ARG A 88 -1.68 -17.53 6.15
C ARG A 88 -2.63 -17.04 5.05
N GLY A 89 -2.32 -17.34 3.80
CA GLY A 89 -3.14 -16.91 2.67
C GLY A 89 -3.06 -15.42 2.43
N ILE A 90 -1.89 -14.84 2.69
CA ILE A 90 -1.64 -13.40 2.51
C ILE A 90 -0.46 -13.22 1.58
N LYS A 91 -0.60 -12.38 0.55
CA LYS A 91 0.49 -12.12 -0.40
C LYS A 91 1.29 -10.91 0.10
N PRO A 92 2.63 -11.02 0.10
CA PRO A 92 3.46 -9.87 0.48
C PRO A 92 3.60 -8.94 -0.72
N ILE A 93 2.48 -8.36 -1.12
CA ILE A 93 2.35 -7.70 -2.42
C ILE A 93 3.17 -6.41 -2.52
N ALA A 94 3.32 -5.69 -1.41
CA ALA A 94 4.01 -4.42 -1.43
C ALA A 94 4.92 -4.22 -0.24
N PHE A 95 5.96 -3.42 -0.46
CA PHE A 95 6.76 -2.87 0.62
C PHE A 95 6.84 -1.36 0.42
N GLY A 96 6.86 -0.64 1.52
CA GLY A 96 7.00 0.81 1.49
C GLY A 96 6.42 1.39 2.76
N VAL A 97 6.54 2.71 2.97
CA VAL A 97 7.06 3.64 1.95
C VAL A 97 8.57 3.86 2.12
N ALA A 98 9.31 3.61 1.05
CA ALA A 98 10.76 3.81 1.07
C ALA A 98 11.11 5.19 0.52
N SER A 99 12.00 5.88 1.22
CA SER A 99 12.42 7.22 0.86
C SER A 99 13.93 7.33 1.03
N TYR A 100 14.65 6.44 0.36
CA TYR A 100 16.10 6.33 0.52
C TYR A 100 16.86 7.45 -0.17
N GLY A 101 18.09 7.65 0.30
CA GLY A 101 18.94 8.73 -0.19
C GLY A 101 20.11 8.28 -1.06
N THR A 102 20.34 6.98 -1.18
CA THR A 102 21.45 6.47 -1.99
C THR A 102 21.01 5.41 -2.98
N ASN A 103 21.79 5.25 -4.05
CA ASN A 103 21.52 4.22 -5.05
C ASN A 103 21.69 2.81 -4.52
N GLU A 104 22.66 2.62 -3.63
CA GLU A 104 22.90 1.33 -3.01
C GLU A 104 21.65 0.86 -2.26
N GLU A 105 21.07 1.74 -1.46
CA GLU A 105 19.85 1.44 -0.72
C GLU A 105 18.68 1.06 -1.64
N TRP A 106 18.47 1.85 -2.69
CA TRP A 106 17.40 1.56 -3.63
C TRP A 106 17.62 0.19 -4.24
N ASP A 107 18.84 -0.07 -4.71
CA ASP A 107 19.19 -1.34 -5.33
C ASP A 107 18.87 -2.52 -4.40
N LYS A 108 19.33 -2.43 -3.16
CA LYS A 108 19.08 -3.48 -2.17
C LYS A 108 17.59 -3.67 -1.86
N PHE A 109 16.86 -2.56 -1.81
CA PHE A 109 15.42 -2.57 -1.53
C PHE A 109 14.62 -3.28 -2.65
N PHE A 110 14.92 -2.94 -3.91
CA PHE A 110 14.28 -3.59 -5.05
C PHE A 110 14.64 -5.06 -5.17
N ALA A 111 15.90 -5.40 -4.90
CA ALA A 111 16.35 -6.80 -4.91
C ALA A 111 15.58 -7.60 -3.86
N PHE A 112 15.44 -7.02 -2.67
CA PHE A 112 14.72 -7.66 -1.57
C PHE A 112 13.24 -7.86 -1.90
N ALA A 113 12.59 -6.79 -2.36
CA ALA A 113 11.19 -6.87 -2.79
C ALA A 113 10.98 -8.02 -3.77
N HIS A 114 11.86 -8.11 -4.76
CA HIS A 114 11.80 -9.18 -5.76
C HIS A 114 12.01 -10.55 -5.13
N LYS A 115 12.98 -10.65 -4.23
CA LYS A 115 13.31 -11.90 -3.58
C LYS A 115 12.13 -12.43 -2.74
N ILE A 116 11.41 -11.52 -2.07
CA ILE A 116 10.26 -11.91 -1.25
C ILE A 116 9.02 -12.14 -2.12
N GLY A 117 9.02 -11.58 -3.32
CA GLY A 117 7.95 -11.80 -4.28
C GLY A 117 6.90 -10.72 -4.26
N ALA A 118 7.28 -9.51 -3.86
CA ALA A 118 6.39 -8.37 -3.95
C ALA A 118 6.21 -8.00 -5.41
N HIS A 119 5.05 -7.44 -5.74
CA HIS A 119 4.77 -6.96 -7.09
C HIS A 119 4.79 -5.43 -7.16
N ILE A 120 4.73 -4.77 -6.00
CA ILE A 120 4.70 -3.31 -5.94
C ILE A 120 5.60 -2.82 -4.82
N VAL A 121 6.20 -1.65 -5.01
CA VAL A 121 6.83 -0.94 -3.91
C VAL A 121 6.29 0.49 -3.92
N THR A 122 5.99 1.01 -2.73
CA THR A 122 5.60 2.40 -2.58
C THR A 122 6.82 3.18 -2.12
N VAL A 123 7.01 4.35 -2.74
CA VAL A 123 8.26 5.11 -2.61
C VAL A 123 8.02 6.61 -2.61
N GLU A 124 8.90 7.34 -1.93
CA GLU A 124 8.85 8.79 -1.85
C GLU A 124 10.25 9.32 -2.18
N PRO A 125 10.57 9.42 -3.48
CA PRO A 125 11.89 9.82 -3.92
C PRO A 125 11.95 11.28 -4.33
N GLU A 126 13.17 11.77 -4.55
CA GLU A 126 13.35 13.05 -5.22
C GLU A 126 13.22 12.84 -6.71
N LEU A 127 12.99 13.93 -7.45
CA LEU A 127 12.82 13.86 -8.89
C LEU A 127 14.08 13.35 -9.61
N ASN A 128 15.26 13.72 -9.10
CA ASN A 128 16.52 13.24 -9.69
C ASN A 128 16.75 11.73 -9.55
N GLN A 129 16.07 11.10 -8.61
CA GLN A 129 16.19 9.65 -8.38
C GLN A 129 15.30 8.81 -9.30
N LEU A 130 14.34 9.44 -9.97
CA LEU A 130 13.34 8.70 -10.77
C LEU A 130 13.97 7.86 -11.89
N ASP A 131 14.93 8.44 -12.60
CA ASP A 131 15.64 7.72 -13.66
C ASP A 131 16.23 6.41 -13.14
N TYR A 132 16.99 6.50 -12.05
CA TYR A 132 17.62 5.33 -11.46
C TYR A 132 16.58 4.32 -10.97
N ILE A 133 15.54 4.83 -10.31
CA ILE A 133 14.46 3.99 -9.80
C ILE A 133 13.73 3.27 -10.93
N GLU A 134 13.52 3.96 -12.05
CA GLU A 134 12.87 3.34 -13.21
C GLU A 134 13.70 2.18 -13.75
N SER A 135 15.02 2.33 -13.77
CA SER A 135 15.91 1.28 -14.24
CA SER A 135 15.91 1.27 -14.26
C SER A 135 15.78 0.02 -13.38
N LEU A 136 15.63 0.23 -12.08
CA LEU A 136 15.43 -0.87 -11.13
C LEU A 136 14.07 -1.54 -11.32
N ALA A 137 13.03 -0.72 -11.52
CA ALA A 137 11.69 -1.25 -11.80
C ALA A 137 11.72 -2.18 -13.01
N LYS A 138 12.40 -1.76 -14.08
CA LYS A 138 12.56 -2.57 -15.29
C LYS A 138 13.36 -3.84 -14.99
N LYS A 139 14.50 -3.66 -14.33
CA LYS A 139 15.42 -4.75 -14.03
C LYS A 139 14.78 -5.87 -13.21
N TYR A 140 13.86 -5.50 -12.31
CA TYR A 140 13.20 -6.47 -11.44
C TYR A 140 11.72 -6.67 -11.76
N ASP A 141 11.24 -6.09 -12.85
CA ASP A 141 9.82 -6.14 -13.21
C ASP A 141 8.92 -5.73 -12.04
N GLU A 143 6.63 -3.02 -10.00
CA GLU A 143 5.83 -1.81 -10.15
C GLU A 143 6.17 -0.83 -9.03
N VAL A 144 6.07 0.45 -9.34
CA VAL A 144 6.47 1.52 -8.43
C VAL A 144 5.32 2.50 -8.28
N ALA A 145 4.88 2.71 -7.05
CA ALA A 145 3.84 3.68 -6.75
C ALA A 145 4.47 4.85 -6.00
N ILE A 146 4.57 5.99 -6.67
CA ILE A 146 5.25 7.17 -6.13
C ILE A 146 4.29 7.96 -5.25
N HIS A 147 4.75 8.27 -4.05
CA HIS A 147 4.01 9.04 -3.06
C HIS A 147 4.76 10.37 -2.94
N ASN A 148 4.13 11.47 -3.33
CA ASN A 148 4.74 12.81 -3.17
C ASN A 148 4.68 13.27 -1.71
N HIS A 149 5.47 14.29 -1.36
CA HIS A 149 5.63 14.74 0.03
C HIS A 149 4.34 15.35 0.62
N PRO A 150 3.77 14.73 1.68
CA PRO A 150 2.52 15.22 2.26
C PRO A 150 2.76 16.39 3.22
N ALA A 156 0.48 22.56 -7.90
CA ALA A 156 1.88 22.15 -7.84
C ALA A 156 2.04 20.65 -7.60
N SER A 157 1.13 20.06 -6.84
CA SER A 157 1.22 18.66 -6.45
C SER A 157 0.82 17.69 -7.58
N ALA A 158 -0.38 17.89 -8.11
CA ALA A 158 -0.92 17.03 -9.17
C ALA A 158 -0.18 17.19 -10.51
N GLU A 159 0.32 18.39 -10.76
CA GLU A 159 1.02 18.71 -12.00
C GLU A 159 2.40 18.04 -12.09
N VAL A 160 3.12 18.02 -10.97
CA VAL A 160 4.49 17.49 -10.94
C VAL A 160 4.53 15.98 -11.21
N VAL A 161 3.67 15.22 -10.54
CA VAL A 161 3.63 13.77 -10.73
C VAL A 161 3.29 13.38 -12.18
N GLU A 162 2.35 14.09 -12.79
CA GLU A 162 1.97 13.84 -14.19
C GLU A 162 3.12 14.21 -15.12
N LYS A 163 3.75 15.34 -14.87
CA LYS A 163 4.87 15.82 -15.68
C LYS A 163 6.08 14.91 -15.53
N ALA A 164 6.35 14.47 -14.30
CA ALA A 164 7.46 13.57 -14.02
C ALA A 164 7.28 12.18 -14.65
N LEU A 165 6.06 11.66 -14.60
CA LEU A 165 5.75 10.32 -15.10
C LEU A 165 5.60 10.23 -16.62
N LYS A 166 5.21 11.33 -17.26
CA LYS A 166 4.95 11.34 -18.71
C LYS A 166 6.11 10.69 -19.46
N GLY A 167 5.80 9.72 -20.30
CA GLY A 167 6.81 9.04 -21.11
C GLY A 167 7.61 7.95 -20.42
N ARG A 168 7.42 7.78 -19.11
CA ARG A 168 8.10 6.71 -18.38
C ARG A 168 7.35 5.40 -18.50
N SER A 169 8.07 4.30 -18.31
CA SER A 169 7.51 2.94 -18.31
C SER A 169 6.17 2.84 -17.56
N PRO A 170 5.29 1.93 -17.99
CA PRO A 170 4.02 1.74 -17.27
C PRO A 170 4.19 1.23 -15.84
N LEU A 171 5.36 0.69 -15.51
CA LEU A 171 5.69 0.29 -14.15
C LEU A 171 5.74 1.47 -13.17
N GLY A 173 4.24 4.35 -11.47
CA GLY A 173 2.88 4.84 -11.18
C GLY A 173 2.80 5.69 -9.92
N VAL A 174 1.59 5.82 -9.40
CA VAL A 174 1.29 6.72 -8.30
C VAL A 174 0.64 6.00 -7.11
N CYS A 175 1.14 6.32 -5.92
CA CYS A 175 0.48 5.93 -4.67
C CYS A 175 -0.36 7.12 -4.23
N ALA A 176 -1.68 6.99 -4.38
CA ALA A 176 -2.60 8.08 -4.09
C ALA A 176 -3.11 8.01 -2.66
N ASP A 177 -3.03 9.13 -1.94
CA ASP A 177 -3.58 9.23 -0.60
C ASP A 177 -5.04 9.64 -0.67
N ILE A 178 -5.91 8.83 -0.06
CA ILE A 178 -7.30 9.19 0.11
C ILE A 178 -7.38 9.89 1.44
N GLY A 179 -7.58 11.21 1.39
CA GLY A 179 -7.52 12.05 2.58
C GLY A 179 -8.71 11.84 3.50
N HIS A 180 -9.58 12.84 3.57
CA HIS A 180 -10.78 12.74 4.39
C HIS A 180 -11.99 12.69 3.46
N TRP A 181 -12.41 11.47 3.18
CA TRP A 181 -13.50 11.19 2.28
C TRP A 181 -14.85 11.43 2.99
N LYS A 182 -15.76 12.25 2.44
CA LYS A 182 -15.68 12.93 1.15
C LYS A 182 -16.13 14.36 1.36
N ARG A 183 -15.40 15.31 0.77
CA ARG A 183 -15.77 16.74 0.84
C ARG A 183 -15.89 17.30 -0.58
N VAL A 184 -16.90 18.15 -0.78
CA VAL A 184 -17.21 18.68 -2.12
C VAL A 184 -16.02 19.41 -2.72
N GLY A 185 -15.60 18.98 -3.91
CA GLY A 185 -14.50 19.61 -4.64
C GLY A 185 -13.10 19.23 -4.18
N GLU A 186 -13.00 18.33 -3.20
CA GLU A 186 -11.70 17.86 -2.71
C GLU A 186 -11.65 16.33 -2.78
N ASP A 187 -12.18 15.80 -3.89
CA ASP A 187 -12.29 14.36 -4.10
C ASP A 187 -10.95 13.83 -4.67
N PRO A 188 -10.19 13.07 -3.86
CA PRO A 188 -8.85 12.66 -4.30
C PRO A 188 -8.87 11.78 -5.55
N LEU A 189 -9.93 10.99 -5.71
CA LEU A 189 -10.08 10.11 -6.86
C LEU A 189 -10.30 10.89 -8.15
N LYS A 190 -11.11 11.95 -8.08
CA LYS A 190 -11.38 12.81 -9.25
C LYS A 190 -10.15 13.60 -9.73
N ASN A 191 -9.12 13.72 -8.89
CA ASN A 191 -7.85 14.31 -9.32
C ASN A 191 -7.04 13.40 -10.23
N LEU A 192 -7.43 12.13 -10.34
CA LEU A 192 -6.76 11.15 -11.21
C LEU A 192 -6.54 11.66 -12.64
N GLN A 193 -7.48 12.49 -13.13
CA GLN A 193 -7.32 13.25 -14.38
C GLN A 193 -6.71 12.41 -15.52
N LYS A 194 -5.48 12.72 -15.93
CA LYS A 194 -4.86 12.12 -17.12
C LYS A 194 -4.06 10.87 -16.76
N LEU A 195 -3.74 10.70 -15.48
CA LEU A 195 -2.96 9.56 -15.02
C LEU A 195 -3.81 8.51 -14.30
N SER A 196 -5.13 8.56 -14.48
CA SER A 196 -6.01 7.48 -14.01
C SER A 196 -5.80 6.26 -14.90
N GLY A 197 -5.05 5.29 -14.38
CA GLY A 197 -4.44 4.25 -15.19
C GLY A 197 -3.00 4.05 -14.75
N ARG A 198 -2.37 5.12 -14.28
CA ARG A 198 -1.10 5.06 -13.57
C ARG A 198 -1.27 4.99 -12.04
N ILE A 199 -2.51 5.06 -11.55
CA ILE A 199 -2.78 4.95 -10.11
C ILE A 199 -2.71 3.48 -9.71
N LYS A 200 -1.66 3.10 -9.02
CA LYS A 200 -1.43 1.69 -8.67
C LYS A 200 -1.83 1.35 -7.24
N VAL A 201 -1.74 2.31 -6.32
CA VAL A 201 -2.04 2.09 -4.92
C VAL A 201 -2.84 3.26 -4.35
N ALA A 202 -3.85 2.96 -3.56
CA ALA A 202 -4.59 3.98 -2.82
C ALA A 202 -4.40 3.73 -1.33
N HIS A 203 -3.81 4.70 -0.64
CA HIS A 203 -3.67 4.65 0.82
C HIS A 203 -4.89 5.20 1.51
N LEU A 204 -5.59 4.35 2.25
CA LEU A 204 -6.63 4.78 3.17
C LEU A 204 -6.02 4.87 4.56
N LYS A 205 -5.93 6.09 5.08
CA LYS A 205 -5.42 6.33 6.42
C LYS A 205 -6.60 6.49 7.38
N ASP A 206 -6.41 6.04 8.62
CA ASP A 206 -7.42 6.18 9.66
C ASP A 206 -8.80 5.74 9.20
N LEU A 207 -8.88 4.52 8.68
CA LEU A 207 -10.13 3.96 8.22
C LEU A 207 -11.08 3.88 9.39
N THR A 208 -12.31 4.33 9.17
CA THR A 208 -13.37 4.25 10.18
C THR A 208 -14.47 3.31 9.73
N ASP A 209 -15.35 3.00 10.67
CA ASP A 209 -16.54 2.19 10.42
C ASP A 209 -17.39 2.83 9.31
N LYS A 210 -17.55 2.11 8.21
CA LYS A 210 -18.32 2.59 7.04
C LYS A 210 -17.79 3.92 6.45
N GLU A 212 -17.23 6.56 7.93
CA GLU A 212 -17.87 7.70 8.55
C GLU A 212 -16.81 8.74 8.91
N ASP A 213 -17.19 10.00 8.88
CA ASP A 213 -16.30 11.08 9.23
C ASP A 213 -17.08 12.24 9.82
N ALA A 214 -16.39 13.09 10.58
CA ALA A 214 -16.95 14.29 11.17
C ALA A 214 -17.47 15.25 10.09
N THR A 215 -16.85 15.20 8.91
CA THR A 215 -17.37 15.87 7.72
C THR A 215 -17.71 14.80 6.68
N TRP A 216 -18.92 14.88 6.12
CA TRP A 216 -19.35 13.95 5.08
C TRP A 216 -19.93 14.72 3.90
N GLY A 217 -19.98 14.05 2.75
CA GLY A 217 -20.51 14.68 1.54
C GLY A 217 -21.25 13.73 0.63
N THR A 218 -21.83 12.68 1.20
CA THR A 218 -22.57 11.69 0.44
C THR A 218 -23.93 11.44 1.08
N GLY A 219 -24.93 11.18 0.26
CA GLY A 219 -26.26 10.80 0.73
C GLY A 219 -26.34 9.35 1.16
N ILE A 220 -25.48 8.51 0.61
CA ILE A 220 -25.43 7.09 0.99
C ILE A 220 -24.22 6.85 1.90
N LEU A 221 -24.11 5.66 2.49
CA LEU A 221 -22.96 5.30 3.31
C LEU A 221 -21.67 5.69 2.59
N PRO A 222 -20.76 6.43 3.26
CA PRO A 222 -19.57 6.92 2.57
C PRO A 222 -18.73 5.83 1.91
N VAL A 223 -18.63 4.67 2.55
CA VAL A 223 -17.86 3.56 2.00
C VAL A 223 -18.52 3.02 0.72
N LYS A 224 -19.86 3.05 0.68
CA LYS A 224 -20.57 2.63 -0.53
C LYS A 224 -20.30 3.59 -1.68
N ALA A 225 -20.35 4.89 -1.39
CA ALA A 225 -20.05 5.92 -2.37
C ALA A 225 -18.62 5.83 -2.86
N PHE A 226 -17.70 5.48 -1.96
CA PHE A 226 -16.29 5.36 -2.29
C PHE A 226 -16.06 4.20 -3.27
N VAL A 227 -16.63 3.06 -2.93
CA VAL A 227 -16.58 1.87 -3.77
C VAL A 227 -17.15 2.14 -5.16
N ASN A 228 -18.30 2.82 -5.20
CA ASN A 228 -18.93 3.20 -6.47
C ASN A 228 -18.02 4.04 -7.35
N GLU A 229 -17.28 4.96 -6.73
CA GLU A 229 -16.34 5.81 -7.48
C GLU A 229 -15.18 5.00 -8.02
N LEU A 230 -14.65 4.09 -7.20
CA LEU A 230 -13.59 3.21 -7.66
C LEU A 230 -14.06 2.39 -8.85
N LYS A 231 -15.28 1.88 -8.79
CA LYS A 231 -15.87 1.16 -9.93
C LYS A 231 -15.97 2.04 -11.17
N ARG A 232 -16.45 3.25 -10.97
CA ARG A 232 -16.64 4.20 -12.08
CA ARG A 232 -16.63 4.22 -12.06
C ARG A 232 -15.30 4.57 -12.73
N GLN A 233 -14.25 4.72 -11.94
CA GLN A 233 -12.92 5.00 -12.47
C GLN A 233 -12.14 3.75 -12.87
N HIS A 234 -12.78 2.58 -12.75
CA HIS A 234 -12.17 1.31 -13.09
C HIS A 234 -10.80 1.14 -12.42
N PHE A 235 -10.75 1.49 -11.14
CA PHE A 235 -9.55 1.29 -10.36
C PHE A 235 -9.33 -0.20 -10.22
N ASN A 236 -8.14 -0.67 -10.57
CA ASN A 236 -7.82 -2.08 -10.41
C ASN A 236 -6.46 -2.30 -9.72
N GLY A 237 -6.04 -1.34 -8.92
CA GLY A 237 -4.80 -1.44 -8.17
C GLY A 237 -5.05 -1.97 -6.78
N LEU A 238 -4.21 -1.55 -5.84
CA LEU A 238 -4.27 -2.00 -4.47
C LEU A 238 -4.83 -0.90 -3.57
N ILE A 239 -5.90 -1.21 -2.84
CA ILE A 239 -6.38 -0.36 -1.77
C ILE A 239 -5.67 -0.83 -0.51
N SER A 240 -4.78 0.01 0.00
CA SER A 240 -3.96 -0.33 1.14
C SER A 240 -4.45 0.45 2.35
N ILE A 241 -5.07 -0.26 3.30
CA ILE A 241 -5.73 0.40 4.41
C ILE A 241 -4.88 0.45 5.68
N GLU A 242 -5.02 1.56 6.39
CA GLU A 242 -4.42 1.73 7.71
C GLU A 242 -5.54 2.18 8.62
N TYR A 243 -5.49 1.78 9.88
CA TYR A 243 -6.38 2.33 10.88
C TYR A 243 -5.70 2.42 12.24
N ASP A 244 -6.31 3.19 13.13
CA ASP A 244 -5.81 3.31 14.49
C ASP A 244 -6.30 2.11 15.29
N ASP A 245 -5.40 1.16 15.56
CA ASP A 245 -5.80 -0.09 16.22
C ASP A 245 -6.04 0.07 17.70
N PHE A 246 -5.78 1.26 18.24
CA PHE A 246 -6.13 1.54 19.63
C PHE A 246 -7.53 2.16 19.74
N LYS A 247 -8.01 2.78 18.67
CA LYS A 247 -9.32 3.41 18.66
C LYS A 247 -10.39 2.55 17.99
N SER A 248 -10.00 1.60 17.15
CA SER A 248 -10.94 0.68 16.50
C SER A 248 -10.58 -0.77 16.78
N ASP A 249 -11.55 -1.65 16.54
CA ASP A 249 -11.38 -3.09 16.72
C ASP A 249 -11.67 -3.81 15.41
N ILE A 250 -11.35 -5.10 15.38
CA ILE A 250 -11.47 -5.92 14.17
C ILE A 250 -12.91 -5.96 13.61
N GLN A 251 -13.89 -6.10 14.49
CA GLN A 251 -15.30 -6.08 14.08
C GLN A 251 -15.70 -4.78 13.38
N GLU A 252 -15.26 -3.64 13.92
CA GLU A 252 -15.61 -2.35 13.32
C GLU A 252 -15.03 -2.20 11.93
N ILE A 253 -13.76 -2.58 11.76
CA ILE A 253 -13.09 -2.46 10.48
C ILE A 253 -13.68 -3.47 9.47
N ARG A 254 -14.05 -4.66 9.96
CA ARG A 254 -14.68 -5.66 9.09
C ARG A 254 -15.98 -5.15 8.44
N ASN A 255 -16.68 -4.24 9.11
CA ASN A 255 -17.83 -3.55 8.49
C ASN A 255 -17.48 -2.77 7.23
N SER A 256 -16.35 -2.07 7.24
CA SER A 256 -15.89 -1.34 6.06
C SER A 256 -15.29 -2.29 5.03
N LEU A 257 -14.47 -3.23 5.48
CA LEU A 257 -13.85 -4.21 4.57
C LEU A 257 -14.90 -4.97 3.76
N GLU A 258 -16.06 -5.19 4.37
CA GLU A 258 -17.19 -5.84 3.71
C GLU A 258 -17.50 -5.22 2.34
N PHE A 259 -17.64 -3.90 2.30
CA PHE A 259 -17.97 -3.21 1.05
C PHE A 259 -16.76 -3.05 0.13
N LEU A 260 -15.59 -2.87 0.71
CA LEU A 260 -14.36 -2.72 -0.07
C LEU A 260 -14.00 -4.01 -0.80
N GLN A 261 -14.36 -5.15 -0.22
CA GLN A 261 -14.03 -6.47 -0.78
C GLN A 261 -15.15 -7.09 -1.60
N LYS A 262 -16.38 -7.08 -1.07
CA LYS A 262 -17.50 -7.78 -1.72
C LYS A 262 -17.94 -7.15 -3.04
N CYS A 263 -17.57 -5.88 -3.27
CA CYS A 263 -17.74 -5.29 -4.60
C CYS A 263 -16.85 -6.03 -5.59
N SER A 264 -15.62 -6.33 -5.18
CA SER A 264 -14.67 -7.09 -5.98
C SER A 264 -14.72 -8.57 -5.59
#